data_1MKA
#
_entry.id   1MKA
#
_cell.length_a   68.000
_cell.length_b   86.800
_cell.length_c   60.300
_cell.angle_alpha   90.00
_cell.angle_beta   90.00
_cell.angle_gamma   90.00
#
_symmetry.space_group_name_H-M   'P 21 21 21'
#
loop_
_entity.id
_entity.type
_entity.pdbx_description
1 polymer 'BETA-HYDROXYDECANOYL THIOL ESTER DEHYDRASE'
2 non-polymer '2-DECENOYL N-ACETYL CYSTEAMINE'
3 water water
#
_entity_poly.entity_id   1
_entity_poly.type   'polypeptide(L)'
_entity_poly.pdbx_seq_one_letter_code
;VDKRESYTKEDLLASGRGELFGAKGPQLPAPNMLMMDRVVKMTETGGNFDKGYVEAELDINPDLWFFGCHFIGDPVMPGC
LGLDAMWQLVGFYLGWLGGEGKGRALGVGEVKFTGQVLPTAKKVTYRIHFKRIVNRRLIMGLADGEVLVDGRLIYTASDL
KVGLFQDTSAF
;
_entity_poly.pdbx_strand_id   A,B
#
loop_
_chem_comp.id
_chem_comp.type
_chem_comp.name
_chem_comp.formula
DAC non-polymer '2-DECENOYL N-ACETYL CYSTEAMINE' 'C14 H25 N O2 S'
#
# COMPACT_ATOMS: atom_id res chain seq x y z
N VAL A 1 -8.70 22.08 -17.70
CA VAL A 1 -8.26 20.91 -18.52
C VAL A 1 -9.47 20.50 -19.33
N ASP A 2 -9.23 19.95 -20.52
CA ASP A 2 -10.32 19.47 -21.35
C ASP A 2 -10.55 18.01 -21.00
N LYS A 3 -11.70 17.76 -20.37
CA LYS A 3 -12.09 16.44 -19.91
C LYS A 3 -12.46 15.41 -20.99
N ARG A 4 -11.85 14.24 -20.86
CA ARG A 4 -12.10 13.11 -21.75
C ARG A 4 -12.67 12.03 -20.82
N GLU A 5 -13.44 11.12 -21.39
CA GLU A 5 -14.04 10.05 -20.59
C GLU A 5 -13.08 8.89 -20.38
N SER A 6 -12.03 8.83 -21.19
CA SER A 6 -11.05 7.76 -21.05
C SER A 6 -9.64 8.25 -21.38
N TYR A 7 -8.65 7.49 -20.93
CA TYR A 7 -7.24 7.82 -21.15
C TYR A 7 -6.48 6.55 -21.42
N THR A 8 -5.52 6.65 -22.32
CA THR A 8 -4.68 5.53 -22.72
C THR A 8 -3.46 5.44 -21.81
N LYS A 9 -2.70 4.36 -21.96
CA LYS A 9 -1.47 4.15 -21.21
C LYS A 9 -0.52 5.33 -21.48
N GLU A 10 -0.45 5.78 -22.72
CA GLU A 10 0.41 6.89 -23.09
C GLU A 10 0.04 8.16 -22.35
N ASP A 11 -1.26 8.37 -22.15
CA ASP A 11 -1.72 9.55 -21.43
C ASP A 11 -1.31 9.43 -19.97
N LEU A 12 -1.44 8.24 -19.38
CA LEU A 12 -1.09 8.04 -17.98
C LEU A 12 0.41 8.24 -17.78
N LEU A 13 1.21 7.88 -18.79
CA LEU A 13 2.67 8.06 -18.72
C LEU A 13 3.00 9.54 -18.89
N ALA A 14 2.26 10.25 -19.73
CA ALA A 14 2.47 11.68 -19.92
C ALA A 14 2.13 12.40 -18.61
N SER A 15 1.09 11.92 -17.94
CA SER A 15 0.64 12.44 -16.65
C SER A 15 1.78 12.42 -15.61
N GLY A 16 2.51 11.31 -15.55
CA GLY A 16 3.61 11.17 -14.62
C GLY A 16 4.69 12.21 -14.80
N ARG A 17 4.77 12.79 -15.99
CA ARG A 17 5.77 13.82 -16.26
C ARG A 17 5.14 15.20 -16.21
N GLY A 18 3.86 15.24 -15.85
CA GLY A 18 3.16 16.51 -15.77
C GLY A 18 2.87 17.12 -17.12
N GLU A 19 2.73 16.26 -18.13
CA GLU A 19 2.45 16.71 -19.49
C GLU A 19 0.98 16.53 -19.87
N LEU A 20 0.15 16.02 -18.96
CA LEU A 20 -1.26 15.81 -19.28
C LEU A 20 -2.14 16.99 -18.83
N PHE A 21 -2.08 17.31 -17.54
CA PHE A 21 -2.87 18.39 -16.97
C PHE A 21 -2.09 19.69 -16.79
N GLY A 22 -0.87 19.76 -17.32
CA GLY A 22 -0.10 20.97 -17.17
C GLY A 22 0.80 20.96 -15.94
N ALA A 23 1.56 22.04 -15.77
CA ALA A 23 2.50 22.15 -14.64
C ALA A 23 1.87 22.40 -13.28
N LYS A 24 0.64 22.90 -13.25
CA LYS A 24 -0.02 23.15 -11.97
C LYS A 24 -0.86 21.96 -11.54
N GLY A 25 -1.17 21.07 -12.46
CA GLY A 25 -1.99 19.91 -12.15
C GLY A 25 -1.20 18.81 -11.45
N PRO A 26 -1.89 17.83 -10.85
CA PRO A 26 -1.19 16.74 -10.17
C PRO A 26 -0.60 15.74 -11.16
N GLN A 27 0.38 14.97 -10.69
CA GLN A 27 1.03 13.94 -11.50
C GLN A 27 0.70 12.58 -10.93
N LEU A 28 0.59 11.60 -11.81
CA LEU A 28 0.40 10.22 -11.39
C LEU A 28 1.84 9.73 -11.16
N PRO A 29 2.02 8.66 -10.37
CA PRO A 29 3.37 8.15 -10.17
C PRO A 29 3.81 7.58 -11.52
N ALA A 30 5.10 7.40 -11.71
CA ALA A 30 5.62 6.84 -12.95
C ALA A 30 5.97 5.40 -12.65
N PRO A 31 6.25 4.58 -13.69
CA PRO A 31 6.60 3.20 -13.40
C PRO A 31 7.88 3.28 -12.55
N ASN A 32 8.07 2.35 -11.61
CA ASN A 32 7.17 1.23 -11.40
C ASN A 32 6.05 1.41 -10.36
N MET A 33 5.70 2.64 -10.03
CA MET A 33 4.62 2.89 -9.08
C MET A 33 3.25 3.09 -9.76
N LEU A 34 3.24 3.36 -11.06
CA LEU A 34 1.99 3.53 -11.79
C LEU A 34 1.26 2.18 -11.72
N MET A 35 0.04 2.17 -11.19
CA MET A 35 -0.66 0.91 -11.06
C MET A 35 -1.87 0.63 -11.97
N MET A 36 -1.95 1.35 -13.08
CA MET A 36 -3.04 1.12 -14.03
C MET A 36 -2.50 1.35 -15.44
N ASP A 37 -3.09 0.69 -16.43
CA ASP A 37 -2.67 0.84 -17.82
C ASP A 37 -3.54 1.79 -18.59
N ARG A 38 -4.80 1.92 -18.17
CA ARG A 38 -5.74 2.82 -18.83
C ARG A 38 -6.94 3.10 -17.94
N VAL A 39 -7.58 4.23 -18.23
CA VAL A 39 -8.77 4.65 -17.53
C VAL A 39 -9.87 4.49 -18.59
N VAL A 40 -10.74 3.52 -18.35
CA VAL A 40 -11.80 3.21 -19.31
C VAL A 40 -13.05 4.10 -19.25
N LYS A 41 -13.29 4.73 -18.10
CA LYS A 41 -14.45 5.61 -17.96
C LYS A 41 -14.30 6.58 -16.80
N MET A 42 -14.66 7.84 -17.04
CA MET A 42 -14.59 8.87 -16.01
C MET A 42 -15.82 9.74 -16.17
N THR A 43 -16.66 9.83 -15.13
CA THR A 43 -17.86 10.66 -15.22
C THR A 43 -18.07 11.49 -13.96
N GLU A 44 -18.70 12.66 -14.12
CA GLU A 44 -18.96 13.56 -13.01
C GLU A 44 -20.16 13.11 -12.18
N THR A 45 -21.06 12.38 -12.83
CA THR A 45 -22.22 11.87 -12.14
C THR A 45 -22.02 10.36 -12.15
N GLY A 46 -23.00 9.60 -11.72
CA GLY A 46 -22.83 8.16 -11.73
C GLY A 46 -22.12 7.65 -10.49
N GLY A 47 -21.84 6.36 -10.48
CA GLY A 47 -21.22 5.72 -9.33
C GLY A 47 -22.33 5.44 -8.32
N ASN A 48 -22.00 4.71 -7.26
CA ASN A 48 -22.97 4.35 -6.23
C ASN A 48 -23.63 5.52 -5.48
N PHE A 49 -23.06 6.72 -5.54
CA PHE A 49 -23.64 7.87 -4.86
C PHE A 49 -24.06 8.97 -5.83
N ASP A 50 -24.01 8.65 -7.12
CA ASP A 50 -24.35 9.59 -8.19
C ASP A 50 -23.56 10.89 -8.11
N LYS A 51 -22.32 10.80 -7.60
CA LYS A 51 -21.45 11.96 -7.46
C LYS A 51 -20.10 11.81 -8.16
N GLY A 52 -19.98 10.83 -9.05
CA GLY A 52 -18.72 10.65 -9.75
C GLY A 52 -18.31 9.19 -9.80
N TYR A 53 -17.70 8.81 -10.91
CA TYR A 53 -17.27 7.43 -11.12
C TYR A 53 -16.03 7.34 -11.98
N VAL A 54 -15.16 6.40 -11.64
CA VAL A 54 -13.96 6.15 -12.40
C VAL A 54 -13.74 4.65 -12.46
N GLU A 55 -13.49 4.13 -13.66
CA GLU A 55 -13.19 2.72 -13.83
C GLU A 55 -11.86 2.67 -14.60
N ALA A 56 -10.91 1.88 -14.13
CA ALA A 56 -9.59 1.75 -14.75
C ALA A 56 -9.19 0.28 -14.76
N GLU A 57 -8.17 -0.06 -15.55
CA GLU A 57 -7.73 -1.44 -15.65
C GLU A 57 -6.23 -1.59 -15.66
N LEU A 58 -5.75 -2.73 -15.17
CA LEU A 58 -4.33 -3.05 -15.17
C LEU A 58 -4.24 -4.44 -15.81
N ASP A 59 -3.46 -4.55 -16.87
CA ASP A 59 -3.29 -5.85 -17.51
C ASP A 59 -2.27 -6.64 -16.71
N ILE A 60 -2.59 -7.90 -16.46
CA ILE A 60 -1.72 -8.77 -15.71
C ILE A 60 -0.98 -9.76 -16.62
N ASN A 61 0.32 -9.95 -16.34
CA ASN A 61 1.16 -10.91 -17.05
C ASN A 61 2.15 -11.38 -15.99
N PRO A 62 2.62 -12.62 -16.09
CA PRO A 62 3.57 -13.22 -15.13
C PRO A 62 4.90 -12.51 -14.94
N ASP A 63 5.28 -11.64 -15.87
CA ASP A 63 6.55 -10.94 -15.79
C ASP A 63 6.59 -9.62 -15.02
N LEU A 64 5.44 -9.14 -14.57
CA LEU A 64 5.41 -7.90 -13.82
C LEU A 64 6.39 -8.04 -12.65
N TRP A 65 7.20 -7.01 -12.43
CA TRP A 65 8.22 -6.99 -11.40
C TRP A 65 7.86 -7.51 -10.00
N PHE A 66 6.71 -7.11 -9.48
CA PHE A 66 6.30 -7.50 -8.15
C PHE A 66 6.08 -9.00 -7.91
N PHE A 67 5.81 -9.75 -8.99
CA PHE A 67 5.60 -11.20 -8.85
C PHE A 67 6.89 -11.92 -8.49
N GLY A 68 8.02 -11.33 -8.87
CA GLY A 68 9.31 -11.93 -8.60
C GLY A 68 9.84 -11.82 -7.17
N CYS A 69 9.33 -10.86 -6.40
CA CYS A 69 9.81 -10.66 -5.04
C CYS A 69 8.73 -10.79 -3.97
N HIS A 70 7.47 -10.82 -4.40
CA HIS A 70 6.36 -10.90 -3.46
C HIS A 70 5.42 -12.06 -3.79
N PHE A 71 5.75 -13.30 -3.39
CA PHE A 71 6.97 -13.67 -2.67
C PHE A 71 7.74 -14.63 -3.58
N ILE A 72 8.97 -14.94 -3.22
CA ILE A 72 9.80 -15.87 -4.00
C ILE A 72 9.17 -17.25 -3.90
N GLY A 73 8.69 -17.78 -5.02
CA GLY A 73 8.07 -19.10 -5.00
C GLY A 73 6.60 -19.10 -4.60
N ASP A 74 6.02 -17.90 -4.44
CA ASP A 74 4.61 -17.75 -4.06
C ASP A 74 4.19 -16.35 -4.53
N PRO A 75 4.18 -16.14 -5.86
CA PRO A 75 3.83 -14.86 -6.48
C PRO A 75 2.39 -14.45 -6.24
N VAL A 76 2.21 -13.22 -5.78
CA VAL A 76 0.88 -12.67 -5.52
C VAL A 76 1.06 -11.15 -5.51
N MET A 77 0.25 -10.44 -6.28
CA MET A 77 0.37 -8.98 -6.32
C MET A 77 0.17 -8.36 -4.92
N PRO A 78 1.10 -7.48 -4.48
CA PRO A 78 0.94 -6.87 -3.15
C PRO A 78 -0.39 -6.11 -3.08
N GLY A 79 -1.13 -6.32 -1.99
CA GLY A 79 -2.40 -5.66 -1.80
C GLY A 79 -2.24 -4.15 -1.70
N CYS A 80 -1.13 -3.72 -1.08
CA CYS A 80 -0.83 -2.30 -0.91
C CYS A 80 -0.78 -1.57 -2.24
N LEU A 81 -0.37 -2.25 -3.31
CA LEU A 81 -0.26 -1.65 -4.63
C LEU A 81 -1.63 -1.44 -5.28
N GLY A 82 -2.58 -2.34 -5.03
CA GLY A 82 -3.93 -2.19 -5.57
C GLY A 82 -4.57 -1.02 -4.84
N LEU A 83 -4.27 -0.93 -3.55
CA LEU A 83 -4.75 0.16 -2.71
C LEU A 83 -4.18 1.48 -3.22
N ASP A 84 -2.90 1.51 -3.58
CA ASP A 84 -2.32 2.75 -4.09
C ASP A 84 -2.97 3.17 -5.39
N ALA A 85 -3.31 2.21 -6.22
CA ALA A 85 -3.97 2.49 -7.50
C ALA A 85 -5.26 3.29 -7.24
N MET A 86 -5.97 2.92 -6.18
CA MET A 86 -7.21 3.59 -5.82
C MET A 86 -6.95 5.04 -5.39
N TRP A 87 -5.89 5.26 -4.62
CA TRP A 87 -5.54 6.62 -4.20
C TRP A 87 -5.14 7.41 -5.44
N GLN A 88 -4.38 6.75 -6.32
CA GLN A 88 -3.92 7.37 -7.56
C GLN A 88 -5.11 7.85 -8.40
N LEU A 89 -6.14 7.01 -8.53
CA LEU A 89 -7.33 7.37 -9.31
C LEU A 89 -8.13 8.51 -8.70
N VAL A 90 -8.24 8.54 -7.37
CA VAL A 90 -8.95 9.62 -6.68
C VAL A 90 -8.21 10.94 -6.97
N GLY A 91 -6.88 10.93 -6.82
CA GLY A 91 -6.10 12.12 -7.09
C GLY A 91 -6.15 12.54 -8.55
N PHE A 92 -6.12 11.57 -9.45
CA PHE A 92 -6.18 11.85 -10.89
C PHE A 92 -7.50 12.56 -11.25
N TYR A 93 -8.59 12.08 -10.67
CA TYR A 93 -9.93 12.64 -10.89
C TYR A 93 -9.96 14.11 -10.46
N LEU A 94 -9.40 14.41 -9.28
CA LEU A 94 -9.36 15.78 -8.78
C LEU A 94 -8.64 16.68 -9.80
N GLY A 95 -7.58 16.18 -10.41
CA GLY A 95 -6.85 16.94 -11.41
C GLY A 95 -7.68 17.09 -12.67
N TRP A 96 -8.43 16.05 -12.98
CA TRP A 96 -9.32 16.03 -14.16
C TRP A 96 -10.39 17.13 -14.00
N LEU A 97 -10.84 17.34 -12.77
CA LEU A 97 -11.83 18.39 -12.50
C LEU A 97 -11.20 19.78 -12.53
N GLY A 98 -9.89 19.84 -12.75
CA GLY A 98 -9.21 21.11 -12.79
C GLY A 98 -8.50 21.48 -11.50
N GLY A 99 -8.43 20.55 -10.55
CA GLY A 99 -7.74 20.85 -9.32
C GLY A 99 -6.25 21.02 -9.56
N GLU A 100 -5.63 21.97 -8.84
CA GLU A 100 -4.19 22.20 -8.98
C GLU A 100 -3.44 21.90 -7.70
N GLY A 101 -2.26 21.31 -7.84
CA GLY A 101 -1.45 20.98 -6.68
C GLY A 101 -0.84 19.60 -6.78
N LYS A 102 0.08 19.33 -5.86
CA LYS A 102 0.79 18.04 -5.70
C LYS A 102 -0.16 17.07 -4.96
N GLY A 103 -0.30 15.79 -5.48
CA GLY A 103 -1.15 14.81 -4.83
C GLY A 103 -0.51 14.17 -3.61
N ARG A 104 -1.31 14.00 -2.55
CA ARG A 104 -0.87 13.35 -1.32
C ARG A 104 -2.05 12.57 -0.74
N ALA A 105 -1.88 11.27 -0.55
CA ALA A 105 -2.92 10.44 0.05
C ALA A 105 -3.02 10.86 1.51
N LEU A 106 -4.25 10.99 2.01
CA LEU A 106 -4.52 11.40 3.38
C LEU A 106 -4.92 10.23 4.27
N GLY A 107 -5.43 9.17 3.67
CA GLY A 107 -5.81 8.01 4.45
C GLY A 107 -6.90 7.17 3.83
N VAL A 108 -7.44 6.25 4.62
CA VAL A 108 -8.51 5.37 4.18
C VAL A 108 -9.18 4.78 5.42
N GLY A 109 -10.48 4.50 5.32
CA GLY A 109 -11.18 3.85 6.41
C GLY A 109 -10.90 2.37 6.17
N GLU A 110 -11.86 1.51 6.43
CA GLU A 110 -11.66 0.08 6.27
C GLU A 110 -11.24 -0.42 4.88
N VAL A 111 -10.27 -1.33 4.86
CA VAL A 111 -9.80 -1.96 3.63
C VAL A 111 -9.91 -3.47 3.91
N LYS A 112 -10.50 -4.20 2.98
CA LYS A 112 -10.64 -5.65 3.12
C LYS A 112 -10.15 -6.36 1.87
N PHE A 113 -9.23 -7.31 2.07
CA PHE A 113 -8.69 -8.11 0.98
C PHE A 113 -9.28 -9.49 1.17
N THR A 114 -10.11 -9.94 0.23
CA THR A 114 -10.75 -11.26 0.34
C THR A 114 -10.26 -12.26 -0.71
N GLY A 115 -9.44 -11.79 -1.65
CA GLY A 115 -8.92 -12.64 -2.69
C GLY A 115 -7.57 -12.11 -3.13
N GLN A 116 -6.93 -12.80 -4.06
CA GLN A 116 -5.60 -12.39 -4.52
C GLN A 116 -5.50 -12.31 -6.04
N VAL A 117 -4.46 -11.62 -6.50
CA VAL A 117 -4.17 -11.50 -7.92
C VAL A 117 -2.92 -12.35 -8.18
N LEU A 118 -3.10 -13.46 -8.90
CA LEU A 118 -2.03 -14.38 -9.25
C LEU A 118 -1.50 -14.05 -10.64
N PRO A 119 -0.28 -14.51 -10.96
CA PRO A 119 0.30 -14.24 -12.29
C PRO A 119 -0.48 -14.84 -13.46
N THR A 120 -1.45 -15.69 -13.13
CA THR A 120 -2.30 -16.31 -14.13
C THR A 120 -3.56 -15.49 -14.44
N ALA A 121 -3.82 -14.45 -13.63
CA ALA A 121 -4.98 -13.60 -13.87
C ALA A 121 -4.70 -12.82 -15.14
N LYS A 122 -5.72 -12.17 -15.70
CA LYS A 122 -5.53 -11.41 -16.92
C LYS A 122 -5.78 -9.92 -16.81
N LYS A 123 -6.76 -9.54 -16.00
CA LYS A 123 -7.10 -8.14 -15.85
C LYS A 123 -7.60 -7.74 -14.48
N VAL A 124 -7.06 -6.64 -13.96
CA VAL A 124 -7.51 -6.11 -12.67
C VAL A 124 -8.33 -4.88 -13.00
N THR A 125 -9.50 -4.78 -12.39
CA THR A 125 -10.38 -3.66 -12.61
C THR A 125 -10.53 -2.84 -11.33
N TYR A 126 -10.43 -1.52 -11.45
CA TYR A 126 -10.58 -0.61 -10.31
C TYR A 126 -11.83 0.22 -10.55
N ARG A 127 -12.69 0.31 -9.54
CA ARG A 127 -13.89 1.13 -9.65
C ARG A 127 -13.93 2.05 -8.46
N ILE A 128 -14.06 3.34 -8.73
CA ILE A 128 -14.08 4.35 -7.68
C ILE A 128 -15.45 5.06 -7.69
N HIS A 129 -16.10 5.09 -6.53
CA HIS A 129 -17.41 5.71 -6.36
C HIS A 129 -17.23 6.90 -5.44
N PHE A 130 -17.28 8.10 -6.00
CA PHE A 130 -17.10 9.30 -5.20
C PHE A 130 -18.27 9.61 -4.30
N LYS A 131 -17.96 9.99 -3.07
CA LYS A 131 -19.01 10.34 -2.15
C LYS A 131 -18.92 11.82 -1.82
N ARG A 132 -17.74 12.40 -1.98
CA ARG A 132 -17.59 13.82 -1.68
C ARG A 132 -16.34 14.44 -2.29
N ILE A 133 -16.50 15.66 -2.79
CA ILE A 133 -15.42 16.39 -3.41
C ILE A 133 -15.45 17.82 -2.89
N VAL A 134 -14.29 18.31 -2.46
CA VAL A 134 -14.14 19.69 -1.99
C VAL A 134 -13.16 20.29 -2.99
N ASN A 135 -13.63 21.26 -3.76
CA ASN A 135 -12.79 21.87 -4.79
C ASN A 135 -12.72 23.39 -4.66
N ARG A 136 -12.63 23.85 -3.43
CA ARG A 136 -12.55 25.27 -3.12
C ARG A 136 -11.07 25.66 -3.00
N ARG A 137 -10.72 26.40 -1.94
CA ARG A 137 -9.33 26.77 -1.68
C ARG A 137 -8.61 25.43 -1.46
N LEU A 138 -9.30 24.53 -0.76
CA LEU A 138 -8.80 23.20 -0.46
C LEU A 138 -9.41 22.22 -1.46
N ILE A 139 -8.58 21.35 -2.02
CA ILE A 139 -9.03 20.35 -2.97
C ILE A 139 -8.87 18.98 -2.32
N MET A 140 -9.97 18.29 -2.07
CA MET A 140 -9.93 17.00 -1.42
C MET A 140 -11.03 16.08 -1.96
N GLY A 141 -10.72 14.79 -2.03
CA GLY A 141 -11.67 13.81 -2.53
C GLY A 141 -11.87 12.66 -1.57
N LEU A 142 -13.11 12.18 -1.49
CA LEU A 142 -13.48 11.08 -0.62
C LEU A 142 -14.26 10.09 -1.48
N ALA A 143 -13.89 8.81 -1.42
CA ALA A 143 -14.55 7.81 -2.25
C ALA A 143 -14.44 6.40 -1.67
N ASP A 144 -15.25 5.49 -2.21
CA ASP A 144 -15.17 4.09 -1.84
C ASP A 144 -14.57 3.43 -3.07
N GLY A 145 -13.86 2.32 -2.88
CA GLY A 145 -13.24 1.66 -4.01
C GLY A 145 -13.46 0.17 -4.05
N GLU A 146 -13.37 -0.41 -5.24
CA GLU A 146 -13.56 -1.83 -5.45
C GLU A 146 -12.48 -2.29 -6.40
N VAL A 147 -11.91 -3.45 -6.12
CA VAL A 147 -10.90 -4.04 -6.97
C VAL A 147 -11.38 -5.43 -7.32
N LEU A 148 -11.45 -5.70 -8.62
CA LEU A 148 -11.89 -6.98 -9.14
C LEU A 148 -10.79 -7.58 -10.00
N VAL A 149 -10.68 -8.90 -9.99
CA VAL A 149 -9.70 -9.58 -10.83
C VAL A 149 -10.52 -10.52 -11.68
N ASP A 150 -10.45 -10.33 -12.98
CA ASP A 150 -11.19 -11.12 -13.95
C ASP A 150 -12.69 -11.21 -13.57
N GLY A 151 -13.27 -10.04 -13.30
CA GLY A 151 -14.68 -9.94 -12.96
C GLY A 151 -15.13 -10.35 -11.58
N ARG A 152 -14.21 -10.67 -10.68
CA ARG A 152 -14.59 -11.09 -9.32
C ARG A 152 -13.97 -10.14 -8.31
N LEU A 153 -14.82 -9.61 -7.42
CA LEU A 153 -14.41 -8.67 -6.39
C LEU A 153 -13.47 -9.28 -5.36
N ILE A 154 -12.34 -8.65 -5.15
CA ILE A 154 -11.37 -9.15 -4.18
C ILE A 154 -11.00 -8.14 -3.08
N TYR A 155 -11.06 -6.85 -3.36
CA TYR A 155 -10.75 -5.86 -2.33
C TYR A 155 -11.81 -4.76 -2.32
N THR A 156 -12.05 -4.18 -1.15
CA THR A 156 -12.96 -3.05 -1.00
C THR A 156 -12.24 -2.08 -0.06
N ALA A 157 -12.44 -0.79 -0.27
CA ALA A 157 -11.85 0.24 0.57
C ALA A 157 -12.89 1.31 0.76
N SER A 158 -13.20 1.64 2.02
CA SER A 158 -14.15 2.70 2.31
C SER A 158 -13.41 3.98 2.64
N ASP A 159 -13.96 5.08 2.16
CA ASP A 159 -13.42 6.40 2.46
C ASP A 159 -11.96 6.66 2.14
N LEU A 160 -11.58 6.38 0.90
CA LEU A 160 -10.25 6.68 0.44
C LEU A 160 -10.22 8.21 0.46
N LYS A 161 -9.14 8.80 0.95
CA LYS A 161 -9.07 10.26 1.02
C LYS A 161 -7.76 10.74 0.43
N VAL A 162 -7.85 11.71 -0.47
CA VAL A 162 -6.69 12.28 -1.15
C VAL A 162 -6.89 13.78 -1.34
N GLY A 163 -5.83 14.55 -1.19
CA GLY A 163 -5.92 15.98 -1.41
C GLY A 163 -4.82 16.45 -2.34
N LEU A 164 -4.99 17.62 -2.97
CA LEU A 164 -3.96 18.19 -3.82
C LEU A 164 -3.46 19.40 -3.02
N PHE A 165 -2.15 19.58 -2.94
CA PHE A 165 -1.57 20.69 -2.18
C PHE A 165 -0.54 21.45 -2.97
N GLN A 166 -0.64 22.77 -2.97
CA GLN A 166 0.33 23.58 -3.68
C GLN A 166 1.59 23.71 -2.82
N ASP A 167 1.39 23.72 -1.50
CA ASP A 167 2.47 23.82 -0.55
C ASP A 167 2.47 22.59 0.35
N THR A 168 3.55 21.82 0.30
CA THR A 168 3.67 20.61 1.09
C THR A 168 4.82 20.74 2.10
N SER A 169 5.12 21.98 2.49
CA SER A 169 6.20 22.25 3.43
C SER A 169 5.87 21.84 4.86
N ALA A 170 4.59 21.77 5.18
CA ALA A 170 4.17 21.41 6.53
C ALA A 170 4.00 19.89 6.77
N PHE A 171 4.26 19.07 5.74
CA PHE A 171 4.14 17.63 5.88
C PHE A 171 5.48 17.03 6.25
N VAL B 1 10.43 -22.20 16.24
CA VAL B 1 11.51 -21.24 15.84
C VAL B 1 12.28 -20.82 17.07
N ASP B 2 13.57 -20.61 16.91
CA ASP B 2 14.40 -20.14 18.02
C ASP B 2 14.35 -18.63 17.97
N LYS B 3 13.44 -18.08 18.76
CA LYS B 3 13.22 -16.64 18.82
C LYS B 3 14.43 -15.83 19.20
N ARG B 4 14.64 -14.75 18.48
CA ARG B 4 15.71 -13.82 18.78
C ARG B 4 14.96 -12.53 18.98
N GLU B 5 15.49 -11.65 19.81
CA GLU B 5 14.83 -10.38 20.08
C GLU B 5 15.00 -9.38 18.93
N SER B 6 15.95 -9.65 18.05
CA SER B 6 16.23 -8.76 16.94
C SER B 6 16.78 -9.51 15.73
N TYR B 7 16.61 -8.93 14.55
CA TYR B 7 17.04 -9.51 13.30
C TYR B 7 17.69 -8.46 12.43
N THR B 8 18.77 -8.86 11.77
CA THR B 8 19.53 -7.98 10.91
C THR B 8 19.05 -8.04 9.46
N LYS B 9 19.62 -7.18 8.63
CA LYS B 9 19.27 -7.14 7.22
C LYS B 9 19.46 -8.50 6.59
N GLU B 10 20.55 -9.16 6.90
CA GLU B 10 20.84 -10.48 6.35
C GLU B 10 19.81 -11.50 6.80
N ASP B 11 19.31 -11.35 8.03
CA ASP B 11 18.29 -12.27 8.55
C ASP B 11 16.98 -12.07 7.75
N LEU B 12 16.66 -10.82 7.44
CA LEU B 12 15.44 -10.51 6.69
C LEU B 12 15.53 -10.99 5.25
N LEU B 13 16.74 -11.00 4.71
CA LEU B 13 16.98 -11.50 3.35
C LEU B 13 16.86 -13.03 3.35
N ALA B 14 17.33 -13.68 4.41
CA ALA B 14 17.23 -15.13 4.51
C ALA B 14 15.74 -15.49 4.65
N SER B 15 15.00 -14.65 5.37
CA SER B 15 13.57 -14.82 5.58
C SER B 15 12.84 -14.83 4.24
N GLY B 16 13.22 -13.90 3.37
CA GLY B 16 12.62 -13.82 2.05
C GLY B 16 12.88 -15.06 1.23
N ARG B 17 13.95 -15.78 1.56
CA ARG B 17 14.30 -17.00 0.84
C ARG B 17 13.73 -18.24 1.49
N GLY B 18 13.06 -18.06 2.63
CA GLY B 18 12.47 -19.20 3.33
C GLY B 18 13.44 -19.96 4.21
N GLU B 19 14.61 -19.37 4.46
CA GLU B 19 15.63 -20.00 5.26
C GLU B 19 15.54 -19.73 6.76
N LEU B 20 15.06 -18.55 7.12
CA LEU B 20 14.96 -18.16 8.52
C LEU B 20 14.01 -18.99 9.38
N PHE B 21 12.75 -19.10 8.97
CA PHE B 21 11.76 -19.86 9.73
C PHE B 21 11.52 -21.23 9.13
N GLY B 22 12.40 -21.63 8.21
CA GLY B 22 12.24 -22.93 7.58
C GLY B 22 11.16 -22.97 6.52
N ALA B 23 11.12 -24.08 5.78
CA ALA B 23 10.16 -24.29 4.69
C ALA B 23 8.68 -24.12 5.01
N LYS B 24 8.29 -24.27 6.27
CA LYS B 24 6.87 -24.12 6.60
C LYS B 24 6.43 -22.80 7.26
N GLY B 25 7.40 -21.95 7.59
CA GLY B 25 7.08 -20.67 8.20
C GLY B 25 6.87 -19.69 7.08
N PRO B 26 6.32 -18.50 7.37
CA PRO B 26 6.08 -17.46 6.34
C PRO B 26 7.36 -16.82 5.84
N GLN B 27 7.29 -16.18 4.67
CA GLN B 27 8.44 -15.50 4.09
C GLN B 27 8.12 -14.03 4.00
N LEU B 28 9.15 -13.19 4.13
CA LEU B 28 8.97 -11.77 3.97
C LEU B 28 9.17 -11.55 2.48
N PRO B 29 8.68 -10.43 1.94
CA PRO B 29 8.88 -10.19 0.50
C PRO B 29 10.38 -9.93 0.35
N ALA B 30 10.88 -10.08 -0.87
CA ALA B 30 12.29 -9.84 -1.16
C ALA B 30 12.34 -8.44 -1.78
N PRO B 31 13.53 -7.83 -1.88
CA PRO B 31 13.60 -6.49 -2.48
C PRO B 31 13.01 -6.67 -3.89
N ASN B 32 12.38 -5.66 -4.47
CA ASN B 32 12.21 -4.33 -3.89
C ASN B 32 11.00 -4.15 -3.00
N MET B 33 10.33 -5.23 -2.58
CA MET B 33 9.16 -5.11 -1.71
C MET B 33 9.45 -5.17 -0.20
N LEU B 34 10.63 -5.67 0.17
CA LEU B 34 11.01 -5.71 1.59
C LEU B 34 11.09 -4.26 2.03
N MET B 35 10.26 -3.87 2.99
CA MET B 35 10.21 -2.48 3.47
C MET B 35 10.86 -2.14 4.82
N MET B 36 11.81 -2.96 5.27
CA MET B 36 12.52 -2.73 6.54
C MET B 36 13.95 -3.20 6.32
N ASP B 37 14.87 -2.64 7.09
CA ASP B 37 16.28 -3.01 7.04
C ASP B 37 16.65 -3.84 8.25
N ARG B 38 15.89 -3.71 9.35
CA ARG B 38 16.20 -4.45 10.55
C ARG B 38 15.02 -4.44 11.48
N VAL B 39 14.99 -5.40 12.41
CA VAL B 39 13.96 -5.49 13.43
C VAL B 39 14.78 -5.29 14.70
N VAL B 40 14.58 -4.17 15.40
CA VAL B 40 15.37 -3.87 16.59
C VAL B 40 14.86 -4.52 17.86
N LYS B 41 13.55 -4.76 17.93
CA LYS B 41 12.98 -5.38 19.11
C LYS B 41 11.71 -6.17 18.84
N MET B 42 11.62 -7.33 19.47
CA MET B 42 10.46 -8.21 19.37
C MET B 42 10.22 -8.80 20.75
N THR B 43 9.02 -8.61 21.29
CA THR B 43 8.68 -9.13 22.61
C THR B 43 7.24 -9.64 22.56
N GLU B 44 6.99 -10.81 23.14
CA GLU B 44 5.64 -11.32 23.12
C GLU B 44 4.69 -10.68 24.13
N THR B 45 5.24 -9.93 25.08
CA THR B 45 4.42 -9.20 26.03
C THR B 45 4.76 -7.75 25.68
N GLY B 46 4.34 -6.79 26.47
CA GLY B 46 4.68 -5.43 26.11
C GLY B 46 3.82 -4.90 24.97
N GLY B 47 4.01 -3.64 24.66
CA GLY B 47 3.22 -2.99 23.63
C GLY B 47 2.06 -2.36 24.38
N ASN B 48 1.30 -1.51 23.70
CA ASN B 48 0.16 -0.82 24.28
C ASN B 48 -0.87 -1.71 24.93
N PHE B 49 -1.00 -2.95 24.46
CA PHE B 49 -2.00 -3.86 24.99
C PHE B 49 -1.35 -5.02 25.72
N ASP B 50 -0.04 -4.92 25.91
CA ASP B 50 0.74 -5.97 26.57
C ASP B 50 0.52 -7.35 25.98
N LYS B 51 0.34 -7.41 24.67
CA LYS B 51 0.12 -8.68 24.01
C LYS B 51 1.17 -8.92 22.92
N GLY B 52 2.15 -8.03 22.84
CA GLY B 52 3.19 -8.19 21.85
C GLY B 52 3.60 -6.88 21.26
N TYR B 53 4.87 -6.77 20.89
CA TYR B 53 5.37 -5.54 20.32
C TYR B 53 6.54 -5.83 19.40
N VAL B 54 6.62 -5.07 18.31
CA VAL B 54 7.74 -5.16 17.39
C VAL B 54 8.10 -3.77 16.88
N GLU B 55 9.40 -3.50 16.86
CA GLU B 55 9.91 -2.22 16.38
C GLU B 55 10.94 -2.53 15.30
N ALA B 56 10.78 -1.89 14.15
CA ALA B 56 11.66 -2.09 13.02
C ALA B 56 12.07 -0.76 12.41
N GLU B 57 13.07 -0.78 11.54
CA GLU B 57 13.57 0.43 10.92
C GLU B 57 13.87 0.24 9.45
N LEU B 58 13.82 1.34 8.71
CA LEU B 58 14.15 1.36 7.30
C LEU B 58 15.05 2.56 7.15
N ASP B 59 16.26 2.36 6.66
CA ASP B 59 17.20 3.46 6.47
C ASP B 59 16.85 4.17 5.17
N ILE B 60 16.83 5.50 5.21
CA ILE B 60 16.49 6.28 4.05
C ILE B 60 17.71 6.92 3.39
N ASN B 61 17.69 6.93 2.06
CA ASN B 61 18.72 7.55 1.26
C ASN B 61 18.02 7.91 -0.03
N PRO B 62 18.44 8.99 -0.68
CA PRO B 62 17.85 9.50 -1.93
C PRO B 62 17.74 8.53 -3.09
N ASP B 63 18.57 7.49 -3.08
CA ASP B 63 18.58 6.51 -4.16
C ASP B 63 17.57 5.38 -4.09
N LEU B 64 16.78 5.29 -3.01
CA LEU B 64 15.79 4.23 -2.91
C LEU B 64 14.89 4.32 -4.13
N TRP B 65 14.64 3.17 -4.74
CA TRP B 65 13.85 3.09 -5.96
C TRP B 65 12.60 3.94 -6.06
N PHE B 66 11.74 3.89 -5.04
CA PHE B 66 10.49 4.64 -5.07
C PHE B 66 10.60 6.16 -5.17
N PHE B 67 11.74 6.72 -4.77
CA PHE B 67 11.89 8.16 -4.84
C PHE B 67 11.98 8.68 -6.28
N GLY B 68 12.49 7.84 -7.17
CA GLY B 68 12.61 8.24 -8.56
C GLY B 68 11.31 8.24 -9.36
N CYS B 69 10.31 7.48 -8.93
CA CYS B 69 9.06 7.43 -9.68
C CYS B 69 7.83 7.97 -8.96
N HIS B 70 7.94 8.23 -7.66
CA HIS B 70 6.78 8.72 -6.90
C HIS B 70 7.10 9.98 -6.09
N PHE B 71 7.05 11.18 -6.67
CA PHE B 71 6.72 11.42 -8.08
C PHE B 71 7.97 12.01 -8.74
N ILE B 72 7.97 12.03 -10.07
CA ILE B 72 9.09 12.62 -10.79
C ILE B 72 9.08 14.11 -10.43
N GLY B 73 10.18 14.59 -9.85
CA GLY B 73 10.27 15.99 -9.47
C GLY B 73 9.60 16.34 -8.15
N ASP B 74 9.10 15.35 -7.42
CA ASP B 74 8.44 15.59 -6.15
C ASP B 74 8.52 14.26 -5.40
N PRO B 75 9.75 13.84 -5.06
CA PRO B 75 9.97 12.58 -4.35
C PRO B 75 9.38 12.46 -2.94
N VAL B 76 8.63 11.39 -2.73
CA VAL B 76 8.00 11.14 -1.43
C VAL B 76 7.76 9.63 -1.36
N MET B 77 8.10 9.01 -0.24
CA MET B 77 7.89 7.57 -0.11
C MET B 77 6.38 7.26 -0.18
N PRO B 78 5.97 6.32 -1.05
CA PRO B 78 4.54 5.98 -1.16
C PRO B 78 4.02 5.55 0.20
N GLY B 79 2.89 6.10 0.61
CA GLY B 79 2.31 5.73 1.90
C GLY B 79 1.92 4.26 1.92
N CYS B 80 1.57 3.72 0.74
CA CYS B 80 1.17 2.31 0.63
C CYS B 80 2.28 1.34 1.02
N LEU B 81 3.54 1.73 0.80
CA LEU B 81 4.69 0.88 1.15
C LEU B 81 4.95 0.87 2.65
N GLY B 82 4.64 1.98 3.32
CA GLY B 82 4.79 2.06 4.77
C GLY B 82 3.74 1.14 5.39
N LEU B 83 2.57 1.09 4.77
CA LEU B 83 1.48 0.24 5.20
C LEU B 83 1.88 -1.21 4.99
N ASP B 84 2.51 -1.53 3.86
CA ASP B 84 2.94 -2.90 3.61
C ASP B 84 3.99 -3.37 4.62
N ALA B 85 4.93 -2.49 4.98
CA ALA B 85 5.95 -2.86 5.98
C ALA B 85 5.27 -3.30 7.29
N MET B 86 4.17 -2.64 7.66
CA MET B 86 3.45 -2.99 8.88
C MET B 86 2.75 -4.35 8.76
N TRP B 87 2.16 -4.63 7.59
CA TRP B 87 1.52 -5.94 7.37
C TRP B 87 2.63 -6.99 7.36
N GLN B 88 3.77 -6.64 6.77
CA GLN B 88 4.94 -7.55 6.71
C GLN B 88 5.42 -7.91 8.11
N LEU B 89 5.45 -6.92 9.01
CA LEU B 89 5.88 -7.16 10.39
C LEU B 89 4.88 -8.01 11.19
N VAL B 90 3.59 -7.83 10.93
CA VAL B 90 2.57 -8.60 11.64
C VAL B 90 2.72 -10.08 11.25
N GLY B 91 2.86 -10.35 9.96
CA GLY B 91 3.03 -11.73 9.50
C GLY B 91 4.35 -12.33 9.96
N PHE B 92 5.40 -11.51 9.99
CA PHE B 92 6.72 -11.96 10.43
C PHE B 92 6.61 -12.40 11.91
N TYR B 93 5.86 -11.65 12.70
CA TYR B 93 5.67 -11.96 14.10
C TYR B 93 4.91 -13.28 14.31
N LEU B 94 3.90 -13.54 13.47
CA LEU B 94 3.12 -14.78 13.59
C LEU B 94 4.05 -15.97 13.31
N GLY B 95 4.97 -15.81 12.36
CA GLY B 95 5.94 -16.86 12.05
C GLY B 95 6.94 -17.01 13.19
N TRP B 96 7.25 -15.90 13.85
CA TRP B 96 8.17 -15.86 14.98
C TRP B 96 7.60 -16.65 16.18
N LEU B 97 6.29 -16.61 16.33
CA LEU B 97 5.62 -17.33 17.42
C LEU B 97 5.56 -18.81 17.09
N GLY B 98 5.95 -19.16 15.87
CA GLY B 98 5.92 -20.55 15.47
C GLY B 98 4.83 -20.89 14.48
N GLY B 99 4.09 -19.88 14.03
CA GLY B 99 3.02 -20.13 13.07
C GLY B 99 3.53 -20.60 11.72
N GLU B 100 2.80 -21.51 11.10
CA GLU B 100 3.15 -22.05 9.79
C GLU B 100 2.16 -21.61 8.72
N GLY B 101 2.67 -21.37 7.52
CA GLY B 101 1.82 -20.97 6.42
C GLY B 101 2.36 -19.77 5.69
N LYS B 102 1.81 -19.48 4.60
CA LYS B 102 2.11 -18.35 3.71
C LYS B 102 1.29 -17.13 4.12
N GLY B 103 2.01 -15.97 4.23
CA GLY B 103 1.37 -14.76 4.72
C GLY B 103 0.50 -14.05 3.70
N ARG B 104 -0.65 -13.58 4.14
CA ARG B 104 -1.57 -12.85 3.29
C ARG B 104 -2.19 -11.73 4.13
N ALA B 105 -2.05 -10.48 3.67
CA ALA B 105 -2.65 -9.35 4.36
C ALA B 105 -4.16 -9.51 4.16
N LEU B 106 -4.94 -9.25 5.21
CA LEU B 106 -6.39 -9.38 5.15
C LEU B 106 -7.11 -8.04 5.15
N GLY B 107 -6.45 -7.01 5.68
CA GLY B 107 -7.05 -5.69 5.70
C GLY B 107 -6.48 -4.81 6.80
N VAL B 108 -7.11 -3.65 6.96
CA VAL B 108 -6.74 -2.65 7.96
C VAL B 108 -8.00 -1.84 8.21
N GLY B 109 -8.17 -1.33 9.43
CA GLY B 109 -9.35 -0.56 9.76
C GLY B 109 -9.39 0.91 9.41
N GLU B 110 -8.41 1.68 9.90
CA GLU B 110 -8.34 3.11 9.66
C GLU B 110 -6.87 3.56 9.54
N VAL B 111 -6.55 4.31 8.50
CA VAL B 111 -5.19 4.77 8.27
C VAL B 111 -5.23 6.27 8.12
N LYS B 112 -4.32 6.98 8.78
CA LYS B 112 -4.24 8.44 8.67
C LYS B 112 -2.81 8.79 8.39
N PHE B 113 -2.58 9.58 7.34
CA PHE B 113 -1.25 10.01 6.96
C PHE B 113 -1.24 11.48 7.28
N THR B 114 -0.38 11.90 8.20
CA THR B 114 -0.31 13.32 8.55
C THR B 114 1.03 13.92 8.15
N GLY B 115 1.93 13.09 7.65
CA GLY B 115 3.22 13.57 7.23
C GLY B 115 3.80 12.73 6.11
N GLN B 116 4.94 13.17 5.57
CA GLN B 116 5.57 12.48 4.46
C GLN B 116 7.02 12.13 4.75
N VAL B 117 7.55 11.21 3.96
CA VAL B 117 8.94 10.78 4.07
C VAL B 117 9.65 11.31 2.82
N LEU B 118 10.53 12.27 3.02
CA LEU B 118 11.31 12.87 1.94
C LEU B 118 12.66 12.15 1.83
N PRO B 119 13.32 12.29 0.67
CA PRO B 119 14.63 11.64 0.46
C PRO B 119 15.72 12.18 1.39
N THR B 120 15.41 13.25 2.09
CA THR B 120 16.33 13.89 3.03
C THR B 120 16.25 13.30 4.44
N ALA B 121 15.26 12.44 4.66
CA ALA B 121 15.09 11.80 5.97
C ALA B 121 16.21 10.79 6.19
N LYS B 122 16.40 10.35 7.42
CA LYS B 122 17.45 9.37 7.67
C LYS B 122 16.90 8.00 8.03
N LYS B 123 15.79 7.98 8.76
CA LYS B 123 15.26 6.71 9.18
C LYS B 123 13.75 6.68 9.44
N VAL B 124 13.14 5.57 9.07
CA VAL B 124 11.72 5.36 9.30
C VAL B 124 11.64 4.27 10.34
N THR B 125 10.79 4.49 11.35
CA THR B 125 10.61 3.51 12.41
C THR B 125 9.17 3.02 12.37
N TYR B 126 9.00 1.71 12.52
CA TYR B 126 7.69 1.08 12.55
C TYR B 126 7.50 0.50 13.95
N ARG B 127 6.36 0.79 14.58
CA ARG B 127 6.08 0.25 15.92
C ARG B 127 4.72 -0.48 15.82
N ILE B 128 4.74 -1.76 16.13
CA ILE B 128 3.54 -2.59 16.03
C ILE B 128 3.10 -3.09 17.41
N HIS B 129 1.86 -2.81 17.76
CA HIS B 129 1.29 -3.20 19.05
C HIS B 129 0.21 -4.23 18.82
N PHE B 130 0.44 -5.47 19.25
CA PHE B 130 -0.56 -6.51 19.05
C PHE B 130 -1.76 -6.43 19.99
N LYS B 131 -2.94 -6.67 19.42
CA LYS B 131 -4.21 -6.63 20.15
C LYS B 131 -4.75 -8.02 20.38
N ARG B 132 -4.70 -8.86 19.35
CA ARG B 132 -5.20 -10.21 19.42
C ARG B 132 -4.43 -11.09 18.51
N ILE B 133 -4.11 -12.28 19.00
CA ILE B 133 -3.39 -13.26 18.21
C ILE B 133 -4.14 -14.59 18.33
N VAL B 134 -4.49 -15.16 17.19
CA VAL B 134 -5.18 -16.42 17.16
C VAL B 134 -4.17 -17.33 16.47
N ASN B 135 -3.47 -18.13 17.25
CA ASN B 135 -2.46 -19.02 16.71
C ASN B 135 -2.90 -20.48 16.82
N ARG B 136 -4.19 -20.71 16.67
CA ARG B 136 -4.76 -22.04 16.72
C ARG B 136 -4.58 -22.60 15.30
N ARG B 137 -5.48 -23.49 14.88
CA ARG B 137 -5.42 -23.99 13.52
C ARG B 137 -6.29 -22.98 12.79
N LEU B 138 -5.76 -21.76 12.76
CA LEU B 138 -6.33 -20.55 12.15
C LEU B 138 -5.40 -19.50 12.74
N ILE B 139 -4.38 -19.13 11.99
CA ILE B 139 -3.40 -18.16 12.44
C ILE B 139 -3.68 -16.76 11.90
N MET B 140 -4.02 -15.85 12.80
CA MET B 140 -4.33 -14.48 12.43
C MET B 140 -3.80 -13.53 13.49
N GLY B 141 -3.39 -12.35 13.06
CA GLY B 141 -2.89 -11.34 13.97
C GLY B 141 -3.56 -10.00 13.73
N LEU B 142 -3.93 -9.33 14.80
CA LEU B 142 -4.58 -8.03 14.77
C LEU B 142 -3.66 -7.08 15.56
N ALA B 143 -3.40 -5.89 15.02
CA ALA B 143 -2.51 -4.96 15.67
C ALA B 143 -2.71 -3.53 15.19
N ASP B 144 -2.18 -2.58 15.94
CA ASP B 144 -2.24 -1.17 15.58
C ASP B 144 -0.80 -0.87 15.24
N GLY B 145 -0.58 0.04 14.30
CA GLY B 145 0.78 0.35 13.90
C GLY B 145 1.00 1.82 13.79
N GLU B 146 2.26 2.22 13.94
CA GLU B 146 2.67 3.63 13.86
C GLU B 146 3.94 3.72 13.03
N VAL B 147 4.05 4.80 12.26
CA VAL B 147 5.24 5.03 11.44
C VAL B 147 5.77 6.41 11.83
N LEU B 148 7.06 6.47 12.12
CA LEU B 148 7.72 7.71 12.53
C LEU B 148 8.88 7.96 11.56
N VAL B 149 9.10 9.23 11.19
CA VAL B 149 10.22 9.56 10.33
C VAL B 149 11.15 10.44 11.15
N ASP B 150 12.32 9.90 11.48
CA ASP B 150 13.30 10.61 12.29
C ASP B 150 12.66 11.05 13.59
N GLY B 151 11.90 10.12 14.18
CA GLY B 151 11.24 10.36 15.46
C GLY B 151 9.89 11.06 15.43
N ARG B 152 9.48 11.54 14.26
CA ARG B 152 8.21 12.24 14.14
C ARG B 152 7.08 11.29 13.68
N LEU B 153 6.03 11.17 14.48
CA LEU B 153 4.88 10.31 14.13
C LEU B 153 4.15 10.89 12.93
N ILE B 154 4.09 10.09 11.84
CA ILE B 154 3.43 10.52 10.63
C ILE B 154 2.25 9.66 10.14
N TYR B 155 2.21 8.37 10.49
CA TYR B 155 1.10 7.51 10.06
C TYR B 155 0.65 6.67 11.24
N THR B 156 -0.66 6.42 11.33
CA THR B 156 -1.20 5.53 12.35
C THR B 156 -2.12 4.58 11.57
N ALA B 157 -2.15 3.31 11.95
CA ALA B 157 -3.02 2.35 11.28
C ALA B 157 -3.66 1.51 12.35
N SER B 158 -4.98 1.48 12.37
CA SER B 158 -5.71 0.69 13.36
C SER B 158 -6.18 -0.58 12.74
N ASP B 159 -6.10 -1.65 13.51
CA ASP B 159 -6.56 -2.97 13.11
C ASP B 159 -5.97 -3.60 11.85
N LEU B 160 -4.64 -3.60 11.78
CA LEU B 160 -3.94 -4.25 10.70
C LEU B 160 -4.25 -5.72 10.93
N LYS B 161 -4.58 -6.45 9.86
CA LYS B 161 -4.93 -7.85 10.02
C LYS B 161 -4.19 -8.69 9.01
N VAL B 162 -3.51 -9.72 9.48
CA VAL B 162 -2.74 -10.60 8.62
C VAL B 162 -2.97 -12.04 9.09
N GLY B 163 -2.96 -13.00 8.17
CA GLY B 163 -3.14 -14.38 8.57
C GLY B 163 -2.14 -15.22 7.80
N LEU B 164 -1.83 -16.42 8.30
CA LEU B 164 -0.91 -17.31 7.61
C LEU B 164 -1.79 -18.44 7.08
N PHE B 165 -1.52 -18.89 5.86
CA PHE B 165 -2.33 -19.93 5.23
C PHE B 165 -1.53 -21.07 4.63
N GLN B 166 -1.91 -22.30 4.99
CA GLN B 166 -1.28 -23.51 4.47
C GLN B 166 -1.57 -23.56 2.98
N ASP B 167 -2.85 -23.48 2.64
CA ASP B 167 -3.27 -23.49 1.25
C ASP B 167 -3.89 -22.14 0.90
N THR B 168 -3.33 -21.52 -0.14
CA THR B 168 -3.80 -20.23 -0.62
C THR B 168 -4.56 -20.34 -1.95
N SER B 169 -4.74 -21.55 -2.44
CA SER B 169 -5.45 -21.74 -3.71
C SER B 169 -6.93 -21.39 -3.60
N ALA B 170 -7.37 -21.05 -2.39
CA ALA B 170 -8.76 -20.67 -2.16
C ALA B 170 -9.05 -19.20 -2.49
N PHE B 171 -8.01 -18.36 -2.48
CA PHE B 171 -8.18 -16.94 -2.73
C PHE B 171 -8.05 -16.55 -4.19
C1 DAC C . -0.49 -9.84 -0.01
O1 DAC C . -0.68 -10.04 1.19
C2 DAC C . 0.77 -9.71 -0.65
C3 DAC C . 1.91 -9.19 -0.13
C4 DAC C . 1.89 -8.63 1.30
C5 DAC C . 2.33 -9.62 2.35
C6 DAC C . 2.19 -9.03 3.74
C7 DAC C . 2.27 -10.11 4.81
C8 DAC C . 3.64 -10.76 4.84
C9 DAC C . 3.73 -11.73 5.99
C10 DAC C . 5.11 -12.33 6.07
S DAC C . -1.82 -9.77 -1.15
C1' DAC C . -3.18 -9.93 -0.01
C2' DAC C . -4.17 -10.89 -0.59
N3' DAC C . -5.22 -11.27 0.36
C4' DAC C . -5.77 -12.47 0.38
O4' DAC C . -5.40 -13.35 -0.40
C5' DAC C . -6.83 -12.71 1.40
C1 DAC D . 1.81 9.66 -1.12
O1 DAC D . 0.67 10.09 -1.30
C2 DAC D . 2.64 9.16 -2.10
C3 DAC D . 2.26 8.50 -3.22
C4 DAC D . 0.79 8.21 -3.45
C5 DAC D . 0.12 9.18 -4.40
C6 DAC D . -1.38 8.96 -4.48
C7 DAC D . -2.09 10.20 -5.03
C8 DAC D . -1.71 10.49 -6.46
C9 DAC D . -2.51 11.66 -6.97
C10 DAC D . -2.28 11.88 -8.41
S DAC D . 2.62 9.71 0.45
C1' DAC D . 1.29 10.33 1.45
C2' DAC D . 1.81 11.31 2.44
N3' DAC D . 0.74 12.11 3.04
C4' DAC D . 0.92 13.34 3.48
O4' DAC D . 2.02 13.90 3.43
C5' DAC D . -0.29 14.01 4.06
#